data_6FLW
#
_entry.id   6FLW
#
_cell.length_a   68.069
_cell.length_b   86.013
_cell.length_c   88.928
_cell.angle_alpha   90.00
_cell.angle_beta   90.00
_cell.angle_gamma   90.00
#
_symmetry.space_group_name_H-M   'P 21 21 21'
#
loop_
_entity.id
_entity.type
_entity.pdbx_description
1 polymer 'Jacalin-like lectin'
2 non-polymer 'CITRIC ACID'
3 water water
#
_entity_poly.entity_id   1
_entity_poly.type   'polypeptide(L)'
_entity_poly.pdbx_seq_one_letter_code
;SGLVKLGLWGGNEGTLQDIDGHPTRLTKIVIRSAHAIDALQFDYVEDGKTFAAGQWGGNGGKSDTIEFQPGEYLIAIKGT
TGALGAVTNLVRSLTFISNMRTYGPFGLEHGTPFSVPVASGRIVAFYGRFGSLVDAFGIYLMPY
;
_entity_poly.pdbx_strand_id   A,B,C,D
#
# COMPACT_ATOMS: atom_id res chain seq x y z
N SER A 1 3.76 -1.33 9.28
CA SER A 1 3.43 -2.25 8.20
C SER A 1 3.10 -1.47 6.93
N GLY A 2 2.30 -2.07 6.05
CA GLY A 2 1.78 -1.34 4.91
C GLY A 2 0.63 -0.43 5.27
N LEU A 3 0.59 -0.02 6.53
CA LEU A 3 -0.44 0.86 7.05
C LEU A 3 0.17 2.22 7.37
N VAL A 4 -0.56 3.26 7.02
CA VAL A 4 -0.27 4.59 7.50
C VAL A 4 -0.79 4.73 8.91
N LYS A 5 0.02 5.32 9.79
CA LYS A 5 -0.31 5.47 11.20
C LYS A 5 -0.32 6.94 11.55
N LEU A 6 -1.50 7.46 11.91
CA LEU A 6 -1.70 8.85 12.28
C LEU A 6 -1.85 8.97 13.78
N GLY A 7 -1.22 9.98 14.37
CA GLY A 7 -1.31 10.23 15.80
C GLY A 7 0.00 10.80 16.30
N LEU A 8 0.05 11.22 17.57
CA LEU A 8 -1.07 11.17 18.50
C LEU A 8 -1.82 12.49 18.62
N TRP A 9 -3.14 12.40 18.78
CA TRP A 9 -3.96 13.51 19.25
C TRP A 9 -4.17 13.35 20.75
N GLY A 10 -3.90 14.40 21.51
CA GLY A 10 -4.00 14.32 22.95
C GLY A 10 -2.68 14.57 23.65
N GLY A 11 -2.59 14.18 24.92
CA GLY A 11 -1.46 14.52 25.75
C GLY A 11 -0.48 13.37 25.95
N ASN A 12 0.40 13.54 26.93
CA ASN A 12 1.57 12.68 27.10
C ASN A 12 1.49 11.78 28.34
N GLU A 13 0.38 11.80 29.07
CA GLU A 13 0.26 10.99 30.27
C GLU A 13 -0.25 9.59 29.90
N GLY A 14 -0.51 8.75 30.90
CA GLY A 14 -0.92 7.39 30.60
C GLY A 14 0.20 6.55 30.01
N THR A 15 -0.21 5.38 29.50
CA THR A 15 0.68 4.38 28.92
C THR A 15 0.32 4.19 27.45
N LEU A 16 1.32 4.18 26.57
CA LEU A 16 1.08 3.83 25.18
C LEU A 16 0.61 2.38 25.07
N GLN A 17 -0.48 2.16 24.35
CA GLN A 17 -0.98 0.83 24.02
C GLN A 17 -1.22 0.75 22.52
N ASP A 18 -0.86 -0.38 21.92
CA ASP A 18 -0.75 -0.49 20.46
C ASP A 18 -1.01 -1.93 20.06
N ILE A 19 -1.13 -2.17 18.77
CA ILE A 19 -1.21 -3.54 18.24
C ILE A 19 0.03 -3.82 17.42
N ASP A 20 0.26 -5.09 17.14
CA ASP A 20 1.32 -5.50 16.22
C ASP A 20 0.83 -6.56 15.25
N GLY A 21 -0.48 -6.72 15.12
CA GLY A 21 -1.03 -7.64 14.14
C GLY A 21 -1.03 -7.03 12.76
N HIS A 22 -1.80 -7.68 11.88
CA HIS A 22 -1.91 -7.29 10.47
C HIS A 22 -3.38 -7.11 10.16
N PRO A 23 -4.01 -6.08 10.70
CA PRO A 23 -5.47 -5.92 10.54
C PRO A 23 -5.83 -5.57 9.11
N THR A 24 -6.91 -6.19 8.63
CA THR A 24 -7.45 -5.93 7.31
C THR A 24 -8.87 -5.38 7.34
N ARG A 25 -9.51 -5.36 8.50
CA ARG A 25 -10.91 -4.97 8.62
C ARG A 25 -11.17 -4.63 10.08
N LEU A 26 -11.72 -3.44 10.32
CA LEU A 26 -12.22 -3.07 11.64
C LEU A 26 -13.68 -3.52 11.75
N THR A 27 -13.97 -4.38 12.73
CA THR A 27 -15.32 -4.94 12.85
C THR A 27 -16.16 -4.32 13.95
N LYS A 28 -15.54 -3.90 15.05
CA LYS A 28 -16.31 -3.46 16.20
C LYS A 28 -15.46 -2.52 17.05
N ILE A 29 -16.11 -1.51 17.64
CA ILE A 29 -15.53 -0.61 18.64
C ILE A 29 -16.42 -0.66 19.88
N VAL A 30 -15.81 -0.79 21.06
CA VAL A 30 -16.49 -0.58 22.33
C VAL A 30 -15.83 0.62 22.99
N ILE A 31 -16.62 1.65 23.28
CA ILE A 31 -16.10 2.89 23.84
C ILE A 31 -16.84 3.20 25.14
N ARG A 32 -16.10 3.65 26.15
CA ARG A 32 -16.67 4.12 27.40
C ARG A 32 -16.47 5.62 27.51
N SER A 33 -17.50 6.34 27.96
CA SER A 33 -17.39 7.79 27.98
C SER A 33 -18.33 8.40 29.02
N ALA A 34 -18.00 9.64 29.39
CA ALA A 34 -18.85 10.46 30.24
C ALA A 34 -18.57 11.92 29.91
N HIS A 35 -17.87 12.66 30.77
CA HIS A 35 -17.40 13.99 30.38
C HIS A 35 -16.22 13.93 29.42
N ALA A 36 -15.51 12.81 29.37
CA ALA A 36 -14.44 12.58 28.40
C ALA A 36 -14.54 11.13 27.93
N ILE A 37 -13.51 10.66 27.24
CA ILE A 37 -13.44 9.27 26.80
C ILE A 37 -12.68 8.48 27.86
N ASP A 38 -13.35 7.47 28.44
CA ASP A 38 -12.79 6.63 29.50
C ASP A 38 -11.99 5.43 28.96
N ALA A 39 -12.43 4.80 27.87
CA ALA A 39 -11.79 3.58 27.42
C ALA A 39 -12.14 3.28 25.98
N LEU A 40 -11.29 2.47 25.35
CA LEU A 40 -11.46 2.00 23.98
C LEU A 40 -11.07 0.53 23.89
N GLN A 41 -11.85 -0.22 23.12
CA GLN A 41 -11.56 -1.61 22.78
C GLN A 41 -12.05 -1.82 21.36
N PHE A 42 -11.33 -2.63 20.57
CA PHE A 42 -11.81 -2.89 19.22
C PHE A 42 -11.40 -4.28 18.74
N ASP A 43 -12.18 -4.79 17.78
CA ASP A 43 -11.91 -6.06 17.11
C ASP A 43 -11.54 -5.82 15.65
N TYR A 44 -10.65 -6.66 15.12
CA TYR A 44 -10.26 -6.59 13.73
C TYR A 44 -10.10 -8.01 13.18
N VAL A 45 -10.02 -8.11 11.85
CA VAL A 45 -9.91 -9.39 11.16
C VAL A 45 -8.52 -9.53 10.55
N GLU A 46 -8.00 -10.75 10.58
CA GLU A 46 -6.73 -11.09 9.96
C GLU A 46 -6.86 -12.53 9.50
N ASP A 47 -6.68 -12.77 8.20
CA ASP A 47 -6.76 -14.12 7.61
C ASP A 47 -8.07 -14.81 7.98
N GLY A 48 -9.16 -14.04 8.00
CA GLY A 48 -10.47 -14.59 8.26
C GLY A 48 -10.77 -14.94 9.71
N LYS A 49 -9.89 -14.58 10.65
CA LYS A 49 -10.13 -14.75 12.07
C LYS A 49 -10.27 -13.40 12.75
N THR A 50 -11.07 -13.33 13.80
CA THR A 50 -11.28 -12.09 14.55
C THR A 50 -10.41 -12.06 15.79
N PHE A 51 -9.82 -10.88 16.07
CA PHE A 51 -8.94 -10.67 17.21
C PHE A 51 -9.42 -9.46 18.00
N ALA A 52 -9.41 -9.59 19.33
CA ALA A 52 -9.82 -8.50 20.21
C ALA A 52 -8.59 -7.78 20.74
N ALA A 53 -8.53 -6.47 20.53
CA ALA A 53 -7.53 -5.60 21.12
C ALA A 53 -8.18 -4.70 22.17
N GLY A 54 -7.45 -4.42 23.26
CA GLY A 54 -7.98 -3.64 24.38
C GLY A 54 -8.30 -4.61 25.51
N GLN A 55 -9.08 -4.20 26.51
CA GLN A 55 -9.58 -2.84 26.69
C GLN A 55 -8.47 -1.96 27.22
N TRP A 56 -8.40 -0.76 26.66
CA TRP A 56 -7.43 0.24 27.03
C TRP A 56 -8.15 1.38 27.73
N GLY A 57 -7.73 1.71 28.94
CA GLY A 57 -8.37 2.72 29.74
C GLY A 57 -9.11 2.11 30.93
N GLY A 58 -9.84 2.98 31.63
CA GLY A 58 -10.50 2.60 32.87
C GLY A 58 -11.94 2.14 32.67
N ASN A 59 -12.58 1.81 33.79
CA ASN A 59 -13.92 1.23 33.76
C ASN A 59 -15.01 2.24 34.13
N GLY A 60 -14.70 3.53 34.13
CA GLY A 60 -15.69 4.57 34.37
C GLY A 60 -16.59 4.82 33.17
N GLY A 61 -17.54 5.75 33.38
CA GLY A 61 -18.48 6.15 32.36
C GLY A 61 -19.48 5.05 31.97
N LYS A 62 -20.02 5.18 30.76
CA LYS A 62 -20.98 4.22 30.23
C LYS A 62 -20.48 3.70 28.89
N SER A 63 -20.91 2.48 28.56
CA SER A 63 -20.40 1.78 27.38
C SER A 63 -21.32 1.97 26.18
N ASP A 64 -20.71 2.08 25.00
CA ASP A 64 -21.39 2.00 23.71
C ASP A 64 -20.61 1.07 22.79
N THR A 65 -21.33 0.45 21.86
CA THR A 65 -20.78 -0.51 20.91
C THR A 65 -21.07 -0.02 19.50
N ILE A 66 -20.05 0.00 18.66
CA ILE A 66 -20.20 0.32 17.25
C ILE A 66 -19.76 -0.91 16.49
N GLU A 67 -20.72 -1.65 15.93
CA GLU A 67 -20.42 -2.85 15.14
C GLU A 67 -20.86 -2.59 13.70
N PHE A 68 -19.91 -2.70 12.77
CA PHE A 68 -20.18 -2.32 11.40
C PHE A 68 -20.86 -3.45 10.63
N GLN A 69 -21.85 -3.07 9.84
CA GLN A 69 -22.53 -4.01 8.97
C GLN A 69 -21.64 -4.38 7.79
N PRO A 70 -21.91 -5.50 7.12
CA PRO A 70 -21.23 -5.77 5.85
C PRO A 70 -21.53 -4.67 4.84
N GLY A 71 -20.49 -4.19 4.17
CA GLY A 71 -20.63 -3.04 3.30
C GLY A 71 -20.50 -1.68 3.96
N GLU A 72 -20.34 -1.63 5.29
CA GLU A 72 -20.21 -0.38 6.04
C GLU A 72 -18.78 -0.22 6.51
N TYR A 73 -18.25 1.00 6.40
CA TYR A 73 -16.87 1.30 6.78
C TYR A 73 -16.77 2.77 7.15
N LEU A 74 -15.74 3.12 7.94
CA LEU A 74 -15.59 4.52 8.35
C LEU A 74 -15.09 5.37 7.21
N ILE A 75 -15.70 6.55 7.05
CA ILE A 75 -15.22 7.57 6.14
C ILE A 75 -14.65 8.78 6.86
N ALA A 76 -14.83 8.90 8.18
CA ALA A 76 -14.22 10.01 8.90
C ALA A 76 -14.29 9.75 10.40
N ILE A 77 -13.37 10.37 11.13
CA ILE A 77 -13.40 10.43 12.58
C ILE A 77 -13.14 11.88 12.97
N LYS A 78 -13.91 12.37 13.92
CA LYS A 78 -13.73 13.69 14.50
C LYS A 78 -13.60 13.55 16.01
N GLY A 79 -13.07 14.58 16.64
CA GLY A 79 -12.99 14.58 18.09
C GLY A 79 -12.51 15.90 18.64
N THR A 80 -12.29 15.90 19.95
CA THR A 80 -11.73 17.05 20.64
C THR A 80 -10.78 16.57 21.73
N THR A 81 -9.73 17.35 21.98
CA THR A 81 -8.78 17.08 23.04
C THR A 81 -8.64 18.32 23.91
N GLY A 82 -8.32 18.13 25.18
CA GLY A 82 -8.13 19.26 26.05
C GLY A 82 -8.18 18.83 27.51
N ALA A 83 -8.22 19.84 28.37
CA ALA A 83 -8.16 19.59 29.81
C ALA A 83 -9.46 18.99 30.31
N LEU A 84 -9.34 18.16 31.34
CA LEU A 84 -10.45 17.73 32.17
C LEU A 84 -9.96 17.79 33.60
N GLY A 85 -10.50 18.73 34.37
CA GLY A 85 -10.01 18.94 35.72
C GLY A 85 -8.50 19.12 35.73
N ALA A 86 -7.81 18.25 36.48
CA ALA A 86 -6.37 18.37 36.67
C ALA A 86 -5.55 17.79 35.52
N VAL A 87 -6.17 17.13 34.54
CA VAL A 87 -5.43 16.58 33.41
C VAL A 87 -5.32 17.65 32.35
N THR A 88 -4.09 17.90 31.90
CA THR A 88 -3.82 19.00 30.98
C THR A 88 -4.46 18.77 29.62
N ASN A 89 -4.35 17.55 29.10
CA ASN A 89 -4.64 17.29 27.69
C ASN A 89 -4.98 15.81 27.55
N LEU A 90 -6.26 15.49 27.39
CA LEU A 90 -6.71 14.14 27.10
C LEU A 90 -7.79 14.20 26.03
N VAL A 91 -8.34 13.05 25.67
CA VAL A 91 -9.32 12.97 24.60
C VAL A 91 -10.70 13.22 25.21
N ARG A 92 -11.29 14.37 24.89
CA ARG A 92 -12.57 14.74 25.48
C ARG A 92 -13.76 14.16 24.72
N SER A 93 -13.68 14.01 23.40
CA SER A 93 -14.79 13.42 22.65
C SER A 93 -14.29 12.76 21.39
N LEU A 94 -15.11 11.84 20.87
CA LEU A 94 -14.86 11.16 19.61
C LEU A 94 -16.19 10.95 18.88
N THR A 95 -16.15 11.09 17.55
CA THR A 95 -17.30 10.84 16.68
C THR A 95 -16.82 10.02 15.49
N PHE A 96 -17.54 8.93 15.21
CA PHE A 96 -17.19 8.00 14.14
C PHE A 96 -18.25 8.09 13.05
N ILE A 97 -17.82 8.37 11.82
CA ILE A 97 -18.73 8.58 10.70
C ILE A 97 -18.47 7.50 9.66
N SER A 98 -19.48 6.67 9.40
CA SER A 98 -19.40 5.63 8.39
C SER A 98 -20.09 6.10 7.11
N ASN A 99 -20.03 5.27 6.08
CA ASN A 99 -20.76 5.56 4.85
C ASN A 99 -22.27 5.44 5.03
N MET A 100 -22.74 4.98 6.19
CA MET A 100 -24.17 4.79 6.42
CA MET A 100 -24.17 4.79 6.42
C MET A 100 -24.74 5.62 7.56
N ARG A 101 -23.95 5.95 8.57
CA ARG A 101 -24.50 6.75 9.66
C ARG A 101 -23.36 7.30 10.53
N THR A 102 -23.75 8.13 11.49
CA THR A 102 -22.83 8.76 12.44
C THR A 102 -23.04 8.13 13.81
N TYR A 103 -21.94 7.80 14.48
CA TYR A 103 -21.95 7.25 15.83
C TYR A 103 -21.31 8.26 16.77
N GLY A 104 -22.06 8.71 17.77
CA GLY A 104 -21.58 9.74 18.66
C GLY A 104 -22.25 11.08 18.37
N PRO A 105 -21.69 12.18 18.89
CA PRO A 105 -20.45 12.22 19.67
C PRO A 105 -20.53 11.54 21.04
N PHE A 106 -19.40 10.96 21.44
CA PHE A 106 -19.22 10.41 22.77
C PHE A 106 -18.32 11.36 23.56
N GLY A 107 -18.66 11.57 24.82
CA GLY A 107 -17.99 12.58 25.62
C GLY A 107 -18.58 13.96 25.38
N LEU A 108 -17.86 14.98 25.85
CA LEU A 108 -18.25 16.37 25.65
C LEU A 108 -17.26 17.04 24.71
N GLU A 109 -17.79 17.79 23.74
CA GLU A 109 -16.96 18.38 22.69
C GLU A 109 -16.33 19.70 23.16
N HIS A 110 -15.59 19.58 24.25
CA HIS A 110 -14.77 20.65 24.80
C HIS A 110 -13.32 20.50 24.31
N GLY A 111 -12.66 21.62 24.14
CA GLY A 111 -11.25 21.64 23.77
C GLY A 111 -11.03 21.84 22.28
N THR A 112 -9.85 21.43 21.84
CA THR A 112 -9.41 21.69 20.48
C THR A 112 -9.94 20.62 19.54
N PRO A 113 -10.67 20.97 18.49
CA PRO A 113 -11.16 19.95 17.55
C PRO A 113 -10.04 19.36 16.70
N PHE A 114 -10.23 18.10 16.31
CA PHE A 114 -9.48 17.50 15.22
C PHE A 114 -10.44 16.69 14.36
N SER A 115 -10.02 16.39 13.12
CA SER A 115 -10.90 15.72 12.18
C SER A 115 -10.09 15.03 11.10
N VAL A 116 -10.52 13.83 10.72
CA VAL A 116 -9.80 13.01 9.75
C VAL A 116 -10.78 12.50 8.70
N PRO A 117 -11.10 13.30 7.68
CA PRO A 117 -11.88 12.79 6.55
C PRO A 117 -11.01 11.94 5.64
N VAL A 118 -11.52 10.79 5.23
CA VAL A 118 -10.80 9.83 4.40
C VAL A 118 -11.42 9.86 3.00
N ALA A 119 -10.64 10.33 2.04
CA ALA A 119 -11.07 10.38 0.65
C ALA A 119 -10.77 9.10 -0.11
N SER A 120 -9.67 8.42 0.22
CA SER A 120 -9.36 7.12 -0.36
C SER A 120 -8.55 6.32 0.66
N GLY A 121 -9.14 5.24 1.16
CA GLY A 121 -8.50 4.43 2.18
C GLY A 121 -9.52 3.82 3.11
N ARG A 122 -9.02 2.98 4.03
CA ARG A 122 -9.84 2.33 5.04
C ARG A 122 -9.18 2.38 6.41
N ILE A 123 -9.96 2.75 7.43
CA ILE A 123 -9.51 2.70 8.81
C ILE A 123 -9.69 1.27 9.33
N VAL A 124 -8.61 0.68 9.84
CA VAL A 124 -8.61 -0.73 10.22
C VAL A 124 -8.22 -0.98 11.67
N ALA A 125 -7.71 0.02 12.40
CA ALA A 125 -7.25 -0.19 13.76
C ALA A 125 -6.96 1.16 14.43
N PHE A 126 -6.71 1.10 15.74
CA PHE A 126 -6.42 2.28 16.54
C PHE A 126 -5.26 1.99 17.50
N TYR A 127 -4.69 3.07 18.04
CA TYR A 127 -3.78 2.97 19.18
C TYR A 127 -3.96 4.25 20.02
N GLY A 128 -3.22 4.34 21.12
CA GLY A 128 -3.30 5.56 21.92
C GLY A 128 -2.49 5.46 23.20
N ARG A 129 -2.77 6.41 24.11
CA ARG A 129 -2.22 6.41 25.46
C ARG A 129 -3.38 6.37 26.44
N PHE A 130 -3.22 5.62 27.53
CA PHE A 130 -4.32 5.28 28.42
C PHE A 130 -3.87 5.18 29.86
N GLY A 131 -4.70 5.72 30.76
CA GLY A 131 -4.60 5.45 32.18
C GLY A 131 -5.98 5.07 32.69
N SER A 132 -6.51 5.82 33.64
CA SER A 132 -7.91 5.67 33.98
C SER A 132 -8.82 6.21 32.87
N LEU A 133 -8.28 7.05 31.98
CA LEU A 133 -9.02 7.60 30.85
C LEU A 133 -8.18 7.47 29.60
N VAL A 134 -8.69 7.98 28.48
CA VAL A 134 -7.97 7.96 27.21
C VAL A 134 -7.18 9.25 27.10
N ASP A 135 -5.87 9.17 27.30
CA ASP A 135 -5.02 10.36 27.25
C ASP A 135 -4.72 10.79 25.83
N ALA A 136 -4.60 9.86 24.88
CA ALA A 136 -4.26 10.18 23.49
C ALA A 136 -4.82 9.09 22.58
N PHE A 137 -4.89 9.42 21.29
CA PHE A 137 -5.61 8.62 20.30
C PHE A 137 -4.89 8.67 18.95
N GLY A 138 -4.91 7.55 18.23
CA GLY A 138 -4.38 7.47 16.88
C GLY A 138 -5.08 6.41 16.04
N ILE A 139 -4.74 6.38 14.73
CA ILE A 139 -5.52 5.68 13.71
C ILE A 139 -4.58 4.99 12.73
N TYR A 140 -4.91 3.76 12.34
CA TYR A 140 -4.23 3.03 11.27
C TYR A 140 -5.10 2.99 10.02
N LEU A 141 -4.49 3.25 8.85
CA LEU A 141 -5.21 3.26 7.59
C LEU A 141 -4.49 2.41 6.54
N MET A 142 -5.30 1.63 5.75
CA MET A 142 -4.81 0.97 4.56
CA MET A 142 -4.83 0.94 4.56
C MET A 142 -5.27 1.71 3.31
N PRO A 143 -4.47 1.74 2.25
CA PRO A 143 -4.94 2.34 1.00
C PRO A 143 -6.04 1.52 0.39
N TYR A 144 -6.86 2.19 -0.41
CA TYR A 144 -7.91 1.54 -1.17
C TYR A 144 -7.51 1.54 -2.66
N SER B 1 -5.95 3.78 -5.43
CA SER B 1 -4.59 4.30 -5.32
C SER B 1 -3.82 3.58 -4.23
N GLY B 2 -2.52 3.39 -4.45
CA GLY B 2 -1.64 2.90 -3.41
C GLY B 2 -1.35 3.88 -2.31
N LEU B 3 -1.86 5.11 -2.45
CA LEU B 3 -1.68 6.14 -1.44
C LEU B 3 -2.94 6.32 -0.62
N VAL B 4 -2.77 6.54 0.67
CA VAL B 4 -3.87 6.97 1.50
C VAL B 4 -4.12 8.46 1.23
N LYS B 5 -5.37 8.82 1.00
CA LYS B 5 -5.76 10.18 0.63
C LYS B 5 -6.70 10.73 1.71
N LEU B 6 -6.26 11.77 2.40
CA LEU B 6 -7.05 12.42 3.45
C LEU B 6 -7.56 13.76 2.92
N GLY B 7 -8.80 14.09 3.28
CA GLY B 7 -9.41 15.35 2.89
C GLY B 7 -10.87 15.16 2.53
N LEU B 8 -11.60 16.23 2.26
CA LEU B 8 -11.09 17.60 2.23
C LEU B 8 -11.34 18.33 3.55
N TRP B 9 -10.40 19.19 3.93
CA TRP B 9 -10.64 20.23 4.93
C TRP B 9 -10.94 21.54 4.20
N GLY B 10 -12.06 22.17 4.55
CA GLY B 10 -12.51 23.38 3.87
C GLY B 10 -13.85 23.20 3.19
N GLY B 11 -14.16 24.14 2.30
CA GLY B 11 -15.46 24.25 1.66
C GLY B 11 -15.50 23.61 0.29
N ASN B 12 -16.55 23.95 -0.48
CA ASN B 12 -16.76 23.31 -1.78
C ASN B 12 -16.77 24.31 -2.93
N GLU B 13 -16.26 25.51 -2.73
CA GLU B 13 -16.03 26.43 -3.85
C GLU B 13 -14.76 26.03 -4.60
N GLY B 14 -14.65 26.50 -5.85
CA GLY B 14 -13.41 26.40 -6.60
C GLY B 14 -13.24 25.11 -7.39
N THR B 15 -12.13 25.08 -8.14
CA THR B 15 -11.75 23.91 -8.94
C THR B 15 -11.15 22.83 -8.06
N LEU B 16 -11.63 21.61 -8.22
CA LEU B 16 -10.94 20.45 -7.66
C LEU B 16 -9.69 20.18 -8.49
N GLN B 17 -8.53 20.35 -7.88
CA GLN B 17 -7.25 20.09 -8.54
C GLN B 17 -6.58 18.92 -7.83
N ASP B 18 -6.02 18.01 -8.63
CA ASP B 18 -5.52 16.76 -8.09
C ASP B 18 -4.34 16.34 -8.95
N ILE B 19 -3.56 15.38 -8.46
CA ILE B 19 -2.48 14.79 -9.22
C ILE B 19 -2.95 13.45 -9.77
N ASP B 20 -2.22 12.94 -10.74
CA ASP B 20 -2.38 11.58 -11.22
C ASP B 20 -1.18 10.75 -10.79
N GLY B 21 -1.34 9.44 -10.84
CA GLY B 21 -0.22 8.57 -10.56
C GLY B 21 0.03 8.38 -9.07
N HIS B 22 1.30 8.18 -8.74
CA HIS B 22 1.72 7.74 -7.41
C HIS B 22 3.04 8.42 -7.07
N PRO B 23 2.99 9.69 -6.63
CA PRO B 23 4.21 10.33 -6.13
C PRO B 23 4.84 9.54 -5.00
N THR B 24 6.18 9.55 -4.97
CA THR B 24 6.92 8.85 -3.91
C THR B 24 7.81 9.77 -3.09
N ARG B 25 7.89 11.06 -3.43
CA ARG B 25 8.73 12.00 -2.69
C ARG B 25 8.26 13.43 -2.94
N LEU B 26 8.07 14.19 -1.86
CA LEU B 26 7.77 15.61 -1.94
C LEU B 26 9.08 16.38 -1.78
N THR B 27 9.43 17.22 -2.77
CA THR B 27 10.71 17.93 -2.75
C THR B 27 10.59 19.41 -2.37
N LYS B 28 9.49 20.08 -2.72
CA LYS B 28 9.40 21.52 -2.55
C LYS B 28 7.94 21.94 -2.42
N ILE B 29 7.69 22.96 -1.59
CA ILE B 29 6.40 23.63 -1.51
C ILE B 29 6.62 25.13 -1.69
N VAL B 30 5.78 25.75 -2.51
CA VAL B 30 5.67 27.20 -2.58
C VAL B 30 4.25 27.57 -2.18
N ILE B 31 4.12 28.41 -1.15
CA ILE B 31 2.84 28.78 -0.59
C ILE B 31 2.71 30.30 -0.63
N ARG B 32 1.53 30.78 -0.99
CA ARG B 32 1.19 32.20 -0.96
C ARG B 32 0.16 32.44 0.13
N SER B 33 0.36 33.50 0.93
CA SER B 33 -0.53 33.70 2.06
C SER B 33 -0.55 35.15 2.50
N ALA B 34 -1.66 35.52 3.16
CA ALA B 34 -1.81 36.81 3.83
C ALA B 34 -2.84 36.64 4.94
N HIS B 35 -4.06 37.12 4.73
CA HIS B 35 -5.15 36.84 5.68
C HIS B 35 -5.63 35.40 5.56
N ALA B 36 -5.37 34.74 4.45
CA ALA B 36 -5.72 33.34 4.23
C ALA B 36 -4.60 32.70 3.42
N ILE B 37 -4.81 31.46 2.97
CA ILE B 37 -3.87 30.82 2.04
C ILE B 37 -4.34 31.12 0.63
N ASP B 38 -3.49 31.80 -0.15
CA ASP B 38 -3.84 32.20 -1.52
C ASP B 38 -3.58 31.10 -2.55
N ALA B 39 -2.47 30.36 -2.41
CA ALA B 39 -2.08 29.42 -3.46
C ALA B 39 -1.11 28.39 -2.90
N LEU B 40 -1.07 27.24 -3.59
CA LEU B 40 -0.13 26.18 -3.31
C LEU B 40 0.49 25.70 -4.61
N GLN B 41 1.77 25.36 -4.55
CA GLN B 41 2.50 24.77 -5.66
C GLN B 41 3.51 23.82 -5.04
N PHE B 42 3.68 22.64 -5.62
CA PHE B 42 4.65 21.72 -5.04
C PHE B 42 5.27 20.87 -6.14
N ASP B 43 6.53 20.51 -5.92
CA ASP B 43 7.25 19.60 -6.80
C ASP B 43 7.36 18.23 -6.14
N TYR B 44 7.21 17.17 -6.93
CA TYR B 44 7.28 15.82 -6.42
C TYR B 44 8.04 14.96 -7.43
N VAL B 45 8.45 13.77 -6.98
CA VAL B 45 9.18 12.81 -7.80
C VAL B 45 8.32 11.58 -8.03
N GLU B 46 8.25 11.14 -9.29
CA GLU B 46 7.64 9.85 -9.63
C GLU B 46 8.51 9.18 -10.69
N ASP B 47 8.85 7.90 -10.45
CA ASP B 47 9.74 7.14 -11.33
C ASP B 47 11.00 7.92 -11.70
N GLY B 48 11.59 8.57 -10.70
CA GLY B 48 12.84 9.26 -10.90
C GLY B 48 12.75 10.57 -11.65
N LYS B 49 11.55 11.03 -11.96
CA LYS B 49 11.33 12.27 -12.69
C LYS B 49 10.64 13.29 -11.79
N THR B 50 11.09 14.54 -11.85
CA THR B 50 10.47 15.59 -11.04
C THR B 50 9.35 16.26 -11.82
N PHE B 51 8.23 16.49 -11.13
CA PHE B 51 7.06 17.14 -11.71
C PHE B 51 6.67 18.33 -10.84
N ALA B 52 6.12 19.35 -11.49
CA ALA B 52 5.61 20.53 -10.79
C ALA B 52 4.09 20.49 -10.84
N ALA B 53 3.46 20.43 -9.66
CA ALA B 53 2.02 20.54 -9.53
C ALA B 53 1.66 21.97 -9.15
N GLY B 54 0.65 22.53 -9.80
CA GLY B 54 0.28 23.92 -9.55
C GLY B 54 1.04 24.83 -10.48
N GLN B 55 1.00 26.15 -10.25
CA GLN B 55 0.37 26.75 -9.09
C GLN B 55 -1.15 26.64 -9.14
N TRP B 56 -1.72 26.31 -7.99
CA TRP B 56 -3.17 26.26 -7.78
C TRP B 56 -3.53 27.39 -6.81
N GLY B 57 -4.46 28.24 -7.22
CA GLY B 57 -4.81 29.44 -6.50
C GLY B 57 -4.25 30.69 -7.16
N GLY B 58 -4.68 31.85 -6.64
CA GLY B 58 -4.32 33.13 -7.22
C GLY B 58 -2.98 33.67 -6.74
N ASN B 59 -2.63 34.86 -7.23
CA ASN B 59 -1.35 35.49 -6.96
C ASN B 59 -1.40 36.52 -5.82
N GLY B 60 -2.45 36.51 -5.02
CA GLY B 60 -2.50 37.39 -3.86
C GLY B 60 -1.48 36.99 -2.81
N GLY B 61 -1.36 37.83 -1.79
CA GLY B 61 -0.49 37.57 -0.66
C GLY B 61 1.01 37.61 -0.99
N LYS B 62 1.77 37.00 -0.08
CA LYS B 62 3.23 36.94 -0.13
C LYS B 62 3.65 35.49 -0.31
N SER B 63 4.76 35.27 -0.99
CA SER B 63 5.20 33.92 -1.34
C SER B 63 6.33 33.47 -0.42
N ASP B 64 6.27 32.19 -0.02
CA ASP B 64 7.34 31.54 0.75
C ASP B 64 7.66 30.18 0.14
N THR B 65 8.93 29.84 0.14
CA THR B 65 9.42 28.58 -0.43
C THR B 65 9.95 27.66 0.66
N ILE B 66 9.48 26.42 0.66
CA ILE B 66 9.97 25.36 1.55
C ILE B 66 10.67 24.34 0.66
N GLU B 67 11.96 24.17 0.88
CA GLU B 67 12.75 23.21 0.11
C GLU B 67 13.31 22.17 1.07
N PHE B 68 12.92 20.90 0.87
CA PHE B 68 13.32 19.83 1.76
C PHE B 68 14.69 19.28 1.36
N GLN B 69 15.56 19.13 2.34
CA GLN B 69 16.86 18.54 2.12
C GLN B 69 16.75 17.01 2.05
N PRO B 70 17.74 16.36 1.46
CA PRO B 70 17.79 14.88 1.55
C PRO B 70 17.78 14.45 3.00
N GLY B 71 16.91 13.49 3.32
CA GLY B 71 16.71 13.04 4.68
C GLY B 71 15.71 13.85 5.49
N GLU B 72 15.18 14.94 4.95
CA GLU B 72 14.15 15.73 5.59
C GLU B 72 12.79 15.36 5.02
N TYR B 73 11.80 15.21 5.90
CA TYR B 73 10.45 14.83 5.49
C TYR B 73 9.44 15.38 6.48
N LEU B 74 8.20 15.56 6.02
CA LEU B 74 7.16 16.09 6.90
C LEU B 74 6.74 15.04 7.91
N ILE B 75 6.57 15.46 9.17
CA ILE B 75 6.01 14.61 10.21
C ILE B 75 4.65 15.11 10.71
N ALA B 76 4.24 16.33 10.36
CA ALA B 76 2.91 16.81 10.74
C ALA B 76 2.51 17.98 9.86
N ILE B 77 1.19 18.14 9.69
CA ILE B 77 0.60 19.34 9.09
C ILE B 77 -0.52 19.82 10.00
N LYS B 78 -0.62 21.14 10.20
CA LYS B 78 -1.70 21.78 10.94
C LYS B 78 -2.28 22.90 10.08
N GLY B 79 -3.50 23.30 10.41
CA GLY B 79 -4.12 24.42 9.71
C GLY B 79 -5.42 24.85 10.36
N THR B 80 -6.08 25.80 9.72
CA THR B 80 -7.39 26.26 10.15
C THR B 80 -8.24 26.58 8.94
N THR B 81 -9.54 26.31 9.04
CA THR B 81 -10.51 26.63 8.01
C THR B 81 -11.59 27.55 8.58
N GLY B 82 -12.11 28.43 7.74
CA GLY B 82 -13.14 29.34 8.19
C GLY B 82 -13.50 30.34 7.11
N ALA B 83 -14.25 31.35 7.53
CA ALA B 83 -14.82 32.34 6.62
C ALA B 83 -13.83 33.46 6.33
N LEU B 84 -13.91 34.00 5.12
CA LEU B 84 -13.16 35.19 4.76
C LEU B 84 -13.99 35.94 3.74
N GLY B 85 -14.42 37.16 4.11
CA GLY B 85 -15.28 37.92 3.22
C GLY B 85 -16.54 37.15 2.91
N ALA B 86 -16.81 36.96 1.62
CA ALA B 86 -18.03 36.29 1.17
C ALA B 86 -17.89 34.78 1.09
N VAL B 87 -16.68 34.25 1.22
CA VAL B 87 -16.47 32.80 1.17
C VAL B 87 -16.67 32.24 2.57
N THR B 88 -17.59 31.28 2.70
CA THR B 88 -18.00 30.80 4.01
C THR B 88 -16.98 29.87 4.66
N ASN B 89 -16.24 29.08 3.88
CA ASN B 89 -15.34 28.09 4.47
C ASN B 89 -14.19 27.84 3.50
N LEU B 90 -13.03 28.45 3.78
CA LEU B 90 -11.83 28.21 3.00
C LEU B 90 -10.65 28.01 3.95
N VAL B 91 -9.43 27.89 3.41
CA VAL B 91 -8.26 27.55 4.21
C VAL B 91 -7.60 28.85 4.66
N ARG B 92 -7.69 29.12 5.97
CA ARG B 92 -7.16 30.36 6.53
C ARG B 92 -5.68 30.27 6.88
N SER B 93 -5.19 29.09 7.30
CA SER B 93 -3.81 28.95 7.71
CA SER B 93 -3.81 28.96 7.71
C SER B 93 -3.34 27.52 7.48
N LEU B 94 -2.02 27.37 7.29
CA LEU B 94 -1.33 26.08 7.20
C LEU B 94 0.03 26.19 7.86
N THR B 95 0.44 25.10 8.52
CA THR B 95 1.77 24.96 9.11
C THR B 95 2.34 23.61 8.70
N PHE B 96 3.62 23.58 8.28
CA PHE B 96 4.29 22.35 7.87
C PHE B 96 5.44 22.06 8.82
N ILE B 97 5.42 20.87 9.44
CA ILE B 97 6.44 20.48 10.42
C ILE B 97 7.20 19.27 9.86
N SER B 98 8.51 19.41 9.70
CA SER B 98 9.38 18.31 9.29
C SER B 98 10.10 17.72 10.50
N ASN B 99 10.87 16.66 10.26
CA ASN B 99 11.72 16.12 11.31
C ASN B 99 12.82 17.08 11.73
N MET B 100 13.04 18.14 10.96
CA MET B 100 14.14 19.07 11.18
C MET B 100 13.71 20.40 11.75
N ARG B 101 12.54 20.93 11.34
CA ARG B 101 12.14 22.27 11.74
C ARG B 101 10.68 22.49 11.38
N THR B 102 10.14 23.61 11.86
CA THR B 102 8.76 24.01 11.58
C THR B 102 8.73 25.15 10.56
N TYR B 103 7.83 25.05 9.59
CA TYR B 103 7.64 26.06 8.57
C TYR B 103 6.25 26.68 8.75
N GLY B 104 6.22 27.97 9.01
CA GLY B 104 4.98 28.66 9.25
C GLY B 104 4.84 29.03 10.71
N PRO B 105 3.62 29.37 11.15
CA PRO B 105 2.37 29.31 10.38
C PRO B 105 2.27 30.32 9.24
N PHE B 106 1.51 29.96 8.21
CA PHE B 106 1.20 30.83 7.10
C PHE B 106 -0.29 31.18 7.17
N GLY B 107 -0.64 32.40 6.79
CA GLY B 107 -2.01 32.87 6.92
C GLY B 107 -2.32 33.30 8.35
N LEU B 108 -3.61 33.30 8.67
CA LEU B 108 -4.10 33.69 10.00
C LEU B 108 -4.85 32.53 10.62
N GLU B 109 -4.49 32.19 11.86
CA GLU B 109 -5.06 31.03 12.53
C GLU B 109 -6.40 31.39 13.17
N HIS B 110 -7.34 31.76 12.31
CA HIS B 110 -8.72 32.02 12.69
C HIS B 110 -9.60 30.91 12.12
N GLY B 111 -10.59 30.47 12.89
CA GLY B 111 -11.50 29.44 12.48
C GLY B 111 -11.23 28.11 13.17
N THR B 112 -11.68 27.04 12.51
CA THR B 112 -11.63 25.70 13.09
C THR B 112 -10.28 25.07 12.81
N PRO B 113 -9.54 24.63 13.82
CA PRO B 113 -8.25 23.98 13.57
C PRO B 113 -8.43 22.55 13.06
N PHE B 114 -7.41 22.10 12.33
CA PHE B 114 -7.22 20.69 12.05
C PHE B 114 -5.73 20.38 12.16
N SER B 115 -5.40 19.09 12.32
CA SER B 115 -4.03 18.67 12.57
C SER B 115 -3.86 17.21 12.16
N VAL B 116 -2.75 16.93 11.50
CA VAL B 116 -2.46 15.58 11.00
C VAL B 116 -1.05 15.21 11.42
N PRO B 117 -0.87 14.69 12.63
CA PRO B 117 0.44 14.14 13.00
C PRO B 117 0.61 12.76 12.39
N VAL B 118 1.80 12.50 11.83
CA VAL B 118 2.11 11.23 11.18
C VAL B 118 3.09 10.47 12.05
N ALA B 119 2.65 9.33 12.59
CA ALA B 119 3.48 8.45 13.39
C ALA B 119 4.25 7.43 12.57
N SER B 120 3.67 6.95 11.47
CA SER B 120 4.38 6.09 10.52
C SER B 120 3.85 6.36 9.12
N GLY B 121 4.71 6.87 8.24
CA GLY B 121 4.29 7.17 6.89
C GLY B 121 5.04 8.38 6.36
N ARG B 122 4.78 8.68 5.09
CA ARG B 122 5.38 9.83 4.41
C ARG B 122 4.34 10.60 3.61
N ILE B 123 4.34 11.91 3.78
CA ILE B 123 3.49 12.80 2.99
C ILE B 123 4.22 13.08 1.67
N VAL B 124 3.57 12.76 0.56
CA VAL B 124 4.20 12.82 -0.75
C VAL B 124 3.56 13.81 -1.71
N ALA B 125 2.34 14.30 -1.44
CA ALA B 125 1.65 15.20 -2.35
C ALA B 125 0.41 15.76 -1.66
N PHE B 126 -0.24 16.71 -2.34
CA PHE B 126 -1.43 17.36 -1.85
C PHE B 126 -2.47 17.44 -2.97
N TYR B 127 -3.72 17.72 -2.58
CA TYR B 127 -4.75 18.13 -3.52
C TYR B 127 -5.65 19.15 -2.82
N GLY B 128 -6.64 19.67 -3.52
CA GLY B 128 -7.55 20.61 -2.89
C GLY B 128 -8.53 21.21 -3.87
N ARG B 129 -9.19 22.27 -3.41
CA ARG B 129 -10.09 23.06 -4.23
C ARG B 129 -9.59 24.50 -4.25
N PHE B 130 -9.56 25.12 -5.43
CA PHE B 130 -8.86 26.38 -5.62
C PHE B 130 -9.64 27.33 -6.52
N GLY B 131 -9.78 28.57 -6.06
CA GLY B 131 -10.18 29.67 -6.92
C GLY B 131 -9.16 30.78 -6.83
N SER B 132 -9.58 31.97 -6.41
CA SER B 132 -8.61 33.03 -6.15
CA SER B 132 -8.62 33.03 -6.14
C SER B 132 -7.81 32.72 -4.89
N LEU B 133 -8.37 31.93 -3.96
CA LEU B 133 -7.71 31.47 -2.75
C LEU B 133 -7.84 29.95 -2.68
N VAL B 134 -7.23 29.36 -1.64
CA VAL B 134 -7.31 27.92 -1.41
C VAL B 134 -8.60 27.63 -0.64
N ASP B 135 -9.55 27.01 -1.32
CA ASP B 135 -10.87 26.79 -0.72
C ASP B 135 -10.95 25.50 0.08
N ALA B 136 -10.14 24.49 -0.27
CA ALA B 136 -10.08 23.24 0.49
C ALA B 136 -8.73 22.58 0.25
N PHE B 137 -8.36 21.66 1.15
CA PHE B 137 -7.01 21.10 1.21
C PHE B 137 -7.07 19.63 1.60
N GLY B 138 -6.17 18.82 1.00
CA GLY B 138 -6.03 17.41 1.32
C GLY B 138 -4.61 16.92 1.11
N ILE B 139 -4.34 15.70 1.59
CA ILE B 139 -2.99 15.16 1.75
C ILE B 139 -2.93 13.74 1.21
N TYR B 140 -1.81 13.39 0.56
CA TYR B 140 -1.49 12.03 0.14
C TYR B 140 -0.37 11.46 1.01
N LEU B 141 -0.55 10.23 1.49
CA LEU B 141 0.44 9.58 2.35
C LEU B 141 0.75 8.18 1.83
N MET B 142 2.03 7.80 1.91
CA MET B 142 2.35 6.40 1.65
C MET B 142 2.92 5.74 2.89
N PRO B 143 2.76 4.43 3.03
CA PRO B 143 3.39 3.72 4.15
C PRO B 143 4.91 3.86 4.12
N TYR B 144 5.52 3.83 5.31
CA TYR B 144 6.97 3.89 5.45
C TYR B 144 7.54 2.55 5.87
N SER C 1 -4.24 1.32 -7.73
CA SER C 1 -4.74 0.39 -6.72
C SER C 1 -3.78 0.23 -5.56
N GLY C 2 -4.34 0.06 -4.36
CA GLY C 2 -3.56 -0.32 -3.21
C GLY C 2 -3.08 -1.74 -3.21
N LEU C 3 -3.38 -2.50 -4.27
CA LEU C 3 -2.93 -3.88 -4.40
C LEU C 3 -1.90 -3.97 -5.51
N VAL C 4 -0.85 -4.77 -5.26
CA VAL C 4 0.08 -5.15 -6.31
C VAL C 4 -0.61 -6.14 -7.24
N LYS C 5 -0.56 -5.86 -8.55
CA LYS C 5 -1.25 -6.68 -9.55
C LYS C 5 -0.19 -7.30 -10.46
N LEU C 6 -0.07 -8.63 -10.39
CA LEU C 6 0.85 -9.38 -11.23
C LEU C 6 0.10 -10.02 -12.39
N GLY C 7 0.73 -10.02 -13.56
CA GLY C 7 0.17 -10.63 -14.75
C GLY C 7 0.49 -9.81 -15.97
N LEU C 8 0.12 -10.27 -17.16
CA LEU C 8 -0.59 -11.53 -17.38
C LEU C 8 0.35 -12.66 -17.78
N TRP C 9 0.10 -13.84 -17.24
CA TRP C 9 0.72 -15.06 -17.76
C TRP C 9 -0.24 -15.67 -18.77
N GLY C 10 0.27 -15.96 -19.96
CA GLY C 10 -0.56 -16.51 -21.03
C GLY C 10 -0.67 -15.59 -22.22
N GLY C 11 -1.70 -15.76 -23.04
CA GLY C 11 -1.79 -15.10 -24.33
C GLY C 11 -2.73 -13.91 -24.35
N ASN C 12 -2.99 -13.42 -25.56
CA ASN C 12 -3.66 -12.15 -25.80
C ASN C 12 -5.07 -12.32 -26.35
N GLU C 13 -5.57 -13.54 -26.49
CA GLU C 13 -6.89 -13.79 -27.02
C GLU C 13 -7.92 -13.75 -25.89
N GLY C 14 -9.16 -14.06 -26.20
CA GLY C 14 -10.22 -13.98 -25.22
C GLY C 14 -10.55 -12.54 -24.84
N THR C 15 -11.34 -12.42 -23.79
CA THR C 15 -11.80 -11.13 -23.29
C THR C 15 -11.33 -10.94 -21.86
N LEU C 16 -10.87 -9.73 -21.56
CA LEU C 16 -10.41 -9.40 -20.22
C LEU C 16 -11.57 -9.40 -19.23
N GLN C 17 -11.36 -10.03 -18.08
CA GLN C 17 -12.31 -10.02 -16.97
C GLN C 17 -11.54 -9.68 -15.70
N ASP C 18 -12.12 -8.83 -14.87
CA ASP C 18 -11.40 -8.24 -13.76
C ASP C 18 -12.40 -7.88 -12.67
N ILE C 19 -11.87 -7.59 -11.50
CA ILE C 19 -12.67 -7.12 -10.39
C ILE C 19 -12.52 -5.61 -10.30
N ASP C 20 -13.36 -4.99 -9.47
CA ASP C 20 -13.21 -3.60 -9.07
C ASP C 20 -12.90 -3.56 -7.59
N GLY C 21 -12.46 -2.41 -7.12
CA GLY C 21 -12.28 -2.22 -5.69
C GLY C 21 -11.00 -2.87 -5.17
N HIS C 22 -11.07 -3.32 -3.92
CA HIS C 22 -9.88 -3.69 -3.14
C HIS C 22 -10.23 -4.87 -2.24
N PRO C 23 -10.30 -6.07 -2.80
CA PRO C 23 -10.49 -7.27 -1.96
C PRO C 23 -9.44 -7.36 -0.88
N THR C 24 -9.84 -7.87 0.29
CA THR C 24 -8.88 -8.06 1.39
C THR C 24 -8.75 -9.50 1.84
N ARG C 25 -9.52 -10.43 1.29
CA ARG C 25 -9.51 -11.82 1.73
C ARG C 25 -10.08 -12.69 0.63
N LEU C 26 -9.36 -13.75 0.28
CA LEU C 26 -9.81 -14.77 -0.65
C LEU C 26 -10.39 -15.95 0.14
N THR C 27 -11.64 -16.32 -0.15
CA THR C 27 -12.30 -17.36 0.64
C THR C 27 -12.53 -18.67 -0.07
N LYS C 28 -12.62 -18.68 -1.40
CA LYS C 28 -13.01 -19.88 -2.14
C LYS C 28 -12.60 -19.72 -3.60
N ILE C 29 -12.15 -20.84 -4.18
CA ILE C 29 -11.85 -20.97 -5.61
C ILE C 29 -12.64 -22.16 -6.16
N VAL C 30 -13.28 -21.97 -7.30
CA VAL C 30 -13.82 -23.07 -8.10
C VAL C 30 -13.12 -23.03 -9.45
N ILE C 31 -12.54 -24.16 -9.86
CA ILE C 31 -11.73 -24.23 -11.07
C ILE C 31 -12.25 -25.38 -11.93
N ARG C 32 -12.36 -25.15 -13.23
CA ARG C 32 -12.70 -26.18 -14.20
C ARG C 32 -11.47 -26.47 -15.06
N SER C 33 -11.17 -27.74 -15.29
CA SER C 33 -9.93 -28.10 -15.96
C SER C 33 -10.03 -29.47 -16.62
N ALA C 34 -9.19 -29.66 -17.63
CA ALA C 34 -9.00 -30.94 -18.29
C ALA C 34 -7.62 -30.94 -18.95
N HIS C 35 -7.54 -30.74 -20.27
CA HIS C 35 -6.24 -30.56 -20.91
C HIS C 35 -5.61 -29.22 -20.53
N ALA C 36 -6.44 -28.22 -20.24
CA ALA C 36 -6.00 -26.90 -19.84
C ALA C 36 -6.91 -26.44 -18.71
N ILE C 37 -6.86 -25.16 -18.38
CA ILE C 37 -7.78 -24.57 -17.42
C ILE C 37 -8.95 -23.98 -18.21
N ASP C 38 -10.16 -24.46 -17.93
CA ASP C 38 -11.37 -24.06 -18.64
C ASP C 38 -12.01 -22.82 -18.04
N ALA C 39 -12.01 -22.69 -16.73
CA ALA C 39 -12.76 -21.61 -16.09
C ALA C 39 -12.24 -21.41 -14.67
N LEU C 40 -12.47 -20.19 -14.17
CA LEU C 40 -12.15 -19.80 -12.80
C LEU C 40 -13.32 -19.04 -12.20
N GLN C 41 -13.55 -19.26 -10.92
CA GLN C 41 -14.51 -18.51 -10.12
C GLN C 41 -13.93 -18.40 -8.71
N PHE C 42 -14.07 -17.24 -8.07
CA PHE C 42 -13.62 -17.12 -6.69
C PHE C 42 -14.51 -16.18 -5.89
N ASP C 43 -14.62 -16.46 -4.59
CA ASP C 43 -15.29 -15.61 -3.62
C ASP C 43 -14.25 -14.82 -2.83
N TYR C 44 -14.55 -13.57 -2.53
CA TYR C 44 -13.65 -12.71 -1.76
C TYR C 44 -14.48 -11.82 -0.84
N VAL C 45 -13.78 -11.17 0.11
CA VAL C 45 -14.40 -10.28 1.08
C VAL C 45 -13.89 -8.86 0.86
N GLU C 46 -14.80 -7.89 0.92
CA GLU C 46 -14.46 -6.48 0.92
C GLU C 46 -15.42 -5.76 1.85
N ASP C 47 -14.87 -4.96 2.76
CA ASP C 47 -15.66 -4.24 3.78
C ASP C 47 -16.63 -5.18 4.49
N GLY C 48 -16.16 -6.37 4.80
CA GLY C 48 -16.92 -7.33 5.55
C GLY C 48 -18.02 -8.04 4.79
N LYS C 49 -18.13 -7.84 3.48
CA LYS C 49 -19.17 -8.46 2.66
C LYS C 49 -18.53 -9.43 1.67
N THR C 50 -19.18 -10.56 1.42
CA THR C 50 -18.65 -11.55 0.51
C THR C 50 -19.25 -11.35 -0.88
N PHE C 51 -18.38 -11.40 -1.90
CA PHE C 51 -18.76 -11.26 -3.29
C PHE C 51 -18.26 -12.44 -4.10
N ALA C 52 -18.96 -12.72 -5.20
CA ALA C 52 -18.55 -13.74 -6.16
C ALA C 52 -17.97 -13.09 -7.40
N ALA C 53 -16.76 -13.49 -7.76
CA ALA C 53 -16.13 -13.12 -9.02
C ALA C 53 -16.18 -14.30 -9.98
N GLY C 54 -16.59 -14.07 -11.21
CA GLY C 54 -16.78 -15.15 -12.16
C GLY C 54 -18.10 -15.83 -11.88
N GLN C 55 -18.37 -17.00 -12.46
CA GLN C 55 -17.42 -17.77 -13.27
C GLN C 55 -17.00 -17.07 -14.57
N TRP C 56 -15.70 -17.10 -14.84
CA TRP C 56 -15.11 -16.64 -16.08
C TRP C 56 -14.56 -17.86 -16.83
N GLY C 57 -14.83 -17.93 -18.13
CA GLY C 57 -14.44 -19.08 -18.93
C GLY C 57 -15.60 -20.00 -19.22
N GLY C 58 -15.27 -21.14 -19.83
CA GLY C 58 -16.25 -22.03 -20.41
C GLY C 58 -16.73 -23.13 -19.47
N ASN C 59 -17.59 -23.98 -20.01
CA ASN C 59 -18.31 -25.00 -19.24
C ASN C 59 -17.70 -26.38 -19.37
N GLY C 60 -16.56 -26.52 -20.05
CA GLY C 60 -15.94 -27.81 -20.24
C GLY C 60 -15.18 -28.27 -19.02
N GLY C 61 -14.55 -29.44 -19.16
CA GLY C 61 -13.72 -29.98 -18.10
C GLY C 61 -14.52 -30.48 -16.90
N LYS C 62 -13.79 -30.70 -15.81
CA LYS C 62 -14.33 -31.14 -14.53
C LYS C 62 -14.09 -30.06 -13.49
N SER C 63 -14.97 -30.00 -12.49
CA SER C 63 -14.92 -28.93 -11.50
C SER C 63 -14.28 -29.41 -10.20
N ASP C 64 -13.50 -28.52 -9.58
CA ASP C 64 -12.93 -28.71 -8.25
C ASP C 64 -13.14 -27.45 -7.42
N THR C 65 -13.49 -27.63 -6.16
CA THR C 65 -13.73 -26.51 -5.24
C THR C 65 -12.67 -26.50 -4.15
N ILE C 66 -12.06 -25.34 -3.94
CA ILE C 66 -11.11 -25.09 -2.86
C ILE C 66 -11.79 -24.13 -1.88
N GLU C 67 -12.02 -24.58 -0.65
CA GLU C 67 -12.66 -23.75 0.37
C GLU C 67 -11.65 -23.48 1.48
N PHE C 68 -11.22 -22.23 1.62
CA PHE C 68 -10.19 -21.91 2.61
C PHE C 68 -10.82 -21.79 3.98
N GLN C 69 -10.18 -22.43 4.96
CA GLN C 69 -10.57 -22.34 6.35
C GLN C 69 -10.12 -21.00 6.92
N PRO C 70 -10.73 -20.55 8.01
CA PRO C 70 -10.16 -19.43 8.77
C PRO C 70 -8.73 -19.74 9.17
N GLY C 71 -7.85 -18.77 8.95
CA GLY C 71 -6.43 -18.95 9.20
C GLY C 71 -5.67 -19.62 8.07
N GLU C 72 -6.34 -19.96 6.97
CA GLU C 72 -5.70 -20.56 5.81
C GLU C 72 -5.62 -19.53 4.69
N TYR C 73 -4.44 -19.46 4.06
CA TYR C 73 -4.17 -18.47 3.01
C TYR C 73 -3.12 -19.05 2.06
N LEU C 74 -3.13 -18.56 0.83
CA LEU C 74 -2.16 -19.03 -0.16
C LEU C 74 -0.77 -18.47 0.12
N ILE C 75 0.24 -19.34 0.00
CA ILE C 75 1.63 -18.93 0.09
C ILE C 75 2.37 -19.04 -1.24
N ALA C 76 1.79 -19.66 -2.25
CA ALA C 76 2.43 -19.74 -3.55
C ALA C 76 1.41 -20.18 -4.60
N ILE C 77 1.62 -19.75 -5.84
CA ILE C 77 0.89 -20.28 -6.99
C ILE C 77 1.90 -20.65 -8.06
N LYS C 78 1.66 -21.78 -8.74
CA LYS C 78 2.46 -22.25 -9.87
C LYS C 78 1.53 -22.56 -11.03
N GLY C 79 2.09 -22.58 -12.24
CA GLY C 79 1.31 -22.97 -13.39
C GLY C 79 2.17 -23.17 -14.62
N THR C 80 1.49 -23.41 -15.74
CA THR C 80 2.16 -23.52 -17.04
C THR C 80 1.27 -22.90 -18.11
N THR C 81 1.92 -22.31 -19.11
CA THR C 81 1.25 -21.72 -20.27
C THR C 81 1.77 -22.38 -21.55
N GLY C 82 0.94 -22.33 -22.59
CA GLY C 82 1.29 -22.96 -23.84
C GLY C 82 0.11 -23.09 -24.76
N ALA C 83 0.36 -23.69 -25.92
CA ALA C 83 -0.65 -23.74 -26.97
C ALA C 83 -1.62 -24.88 -26.75
N LEU C 84 -2.84 -24.71 -27.29
CA LEU C 84 -3.82 -25.79 -27.34
C LEU C 84 -4.85 -25.49 -28.43
N GLY C 85 -5.07 -26.44 -29.31
CA GLY C 85 -6.05 -26.29 -30.39
C GLY C 85 -5.93 -24.97 -31.16
N ALA C 86 -7.01 -24.20 -31.20
CA ALA C 86 -7.03 -22.95 -31.97
C ALA C 86 -6.33 -21.80 -31.27
N VAL C 87 -5.75 -22.01 -30.09
CA VAL C 87 -5.23 -20.92 -29.27
C VAL C 87 -3.72 -21.07 -29.15
N THR C 88 -3.00 -19.99 -29.48
CA THR C 88 -1.54 -20.07 -29.54
C THR C 88 -0.87 -20.00 -28.18
N ASN C 89 -1.51 -19.39 -27.17
CA ASN C 89 -0.90 -19.32 -25.84
C ASN C 89 -2.01 -19.13 -24.82
N LEU C 90 -2.21 -20.12 -23.94
CA LEU C 90 -3.23 -20.05 -22.89
C LEU C 90 -2.70 -20.75 -21.65
N VAL C 91 -3.54 -20.84 -20.61
CA VAL C 91 -3.12 -21.37 -19.32
C VAL C 91 -3.42 -22.86 -19.30
N ARG C 92 -2.35 -23.68 -19.32
CA ARG C 92 -2.49 -25.13 -19.35
C ARG C 92 -2.68 -25.74 -17.97
N SER C 93 -2.08 -25.18 -16.92
CA SER C 93 -2.23 -25.74 -15.58
C SER C 93 -2.05 -24.67 -14.52
N LEU C 94 -2.63 -24.93 -13.34
CA LEU C 94 -2.48 -24.11 -12.15
C LEU C 94 -2.41 -25.00 -10.91
N THR C 95 -1.57 -24.59 -9.96
CA THR C 95 -1.46 -25.22 -8.65
C THR C 95 -1.53 -24.12 -7.59
N PHE C 96 -2.34 -24.34 -6.56
CA PHE C 96 -2.52 -23.37 -5.46
C PHE C 96 -1.98 -23.99 -4.18
N ILE C 97 -1.01 -23.32 -3.55
CA ILE C 97 -0.36 -23.85 -2.35
C ILE C 97 -0.71 -22.94 -1.17
N SER C 98 -1.39 -23.50 -0.17
CA SER C 98 -1.76 -22.78 1.05
C SER C 98 -0.81 -23.15 2.18
N ASN C 99 -0.97 -22.45 3.30
CA ASN C 99 -0.18 -22.80 4.49
C ASN C 99 -0.61 -24.13 5.09
N MET C 100 -1.71 -24.69 4.62
CA MET C 100 -2.20 -25.97 5.13
CA MET C 100 -2.21 -25.97 5.12
C MET C 100 -2.04 -27.14 4.17
N ARG C 101 -2.09 -26.91 2.85
CA ARG C 101 -1.97 -28.02 1.92
C ARG C 101 -1.81 -27.49 0.50
N THR C 102 -1.60 -28.43 -0.43
CA THR C 102 -1.50 -28.14 -1.85
C THR C 102 -2.76 -28.58 -2.56
N TYR C 103 -3.25 -27.72 -3.47
CA TYR C 103 -4.44 -28.00 -4.27
C TYR C 103 -4.03 -28.01 -5.73
N GLY C 104 -4.16 -29.16 -6.39
CA GLY C 104 -3.70 -29.31 -7.75
C GLY C 104 -2.54 -30.28 -7.84
N PRO C 105 -1.89 -30.35 -9.02
CA PRO C 105 -2.16 -29.52 -10.19
C PRO C 105 -3.49 -29.80 -10.89
N PHE C 106 -4.08 -28.75 -11.43
CA PHE C 106 -5.25 -28.83 -12.29
C PHE C 106 -4.80 -28.57 -13.73
N GLY C 107 -5.39 -29.30 -14.68
CA GLY C 107 -4.92 -29.22 -16.06
C GLY C 107 -3.71 -30.13 -16.27
N LEU C 108 -2.97 -29.85 -17.35
CA LEU C 108 -1.78 -30.62 -17.70
C LEU C 108 -0.57 -29.71 -17.67
N GLU C 109 0.45 -30.15 -16.93
CA GLU C 109 1.67 -29.35 -16.74
C GLU C 109 2.58 -29.49 -17.96
N HIS C 110 2.05 -29.06 -19.09
CA HIS C 110 2.78 -28.98 -20.35
C HIS C 110 3.02 -27.50 -20.65
N GLY C 111 4.17 -27.19 -21.23
CA GLY C 111 4.49 -25.82 -21.59
C GLY C 111 5.46 -25.15 -20.65
N THR C 112 5.47 -23.82 -20.71
CA THR C 112 6.44 -23.02 -19.96
C THR C 112 5.95 -22.79 -18.53
N PRO C 113 6.70 -23.20 -17.51
CA PRO C 113 6.25 -22.99 -16.14
C PRO C 113 6.38 -21.54 -15.68
N PHE C 114 5.58 -21.20 -14.68
CA PHE C 114 5.77 -20.00 -13.88
C PHE C 114 5.45 -20.35 -12.43
N SER C 115 5.93 -19.51 -11.52
CA SER C 115 5.86 -19.80 -10.08
C SER C 115 5.94 -18.50 -9.29
N VAL C 116 5.06 -18.35 -8.30
CA VAL C 116 4.99 -17.13 -7.50
C VAL C 116 5.03 -17.48 -6.01
N PRO C 117 6.21 -17.64 -5.42
CA PRO C 117 6.29 -17.81 -3.97
C PRO C 117 6.20 -16.47 -3.26
N VAL C 118 5.32 -16.39 -2.27
CA VAL C 118 5.09 -15.16 -1.53
C VAL C 118 5.81 -15.25 -0.20
N ALA C 119 6.83 -14.41 -0.02
CA ALA C 119 7.54 -14.33 1.24
C ALA C 119 6.87 -13.39 2.24
N SER C 120 6.26 -12.31 1.76
CA SER C 120 5.52 -11.41 2.62
C SER C 120 4.37 -10.80 1.81
N GLY C 121 3.15 -11.17 2.15
CA GLY C 121 1.98 -10.66 1.45
C GLY C 121 0.85 -11.66 1.51
N ARG C 122 -0.28 -11.24 0.95
CA ARG C 122 -1.47 -12.07 0.89
C ARG C 122 -2.12 -11.97 -0.48
N ILE C 123 -2.39 -13.13 -1.08
CA ILE C 123 -3.13 -13.18 -2.35
C ILE C 123 -4.62 -13.06 -2.02
N VAL C 124 -5.28 -12.07 -2.64
CA VAL C 124 -6.66 -11.73 -2.30
C VAL C 124 -7.62 -11.88 -3.47
N ALA C 125 -7.15 -12.03 -4.72
CA ALA C 125 -8.04 -12.05 -5.88
C ALA C 125 -7.22 -12.36 -7.13
N PHE C 126 -7.95 -12.55 -8.23
CA PHE C 126 -7.37 -12.91 -9.52
C PHE C 126 -8.07 -12.12 -10.62
N TYR C 127 -7.45 -12.11 -11.80
CA TYR C 127 -8.08 -11.59 -13.01
C TYR C 127 -7.49 -12.36 -14.19
N GLY C 128 -7.94 -12.05 -15.41
CA GLY C 128 -7.34 -12.70 -16.56
C GLY C 128 -8.07 -12.40 -17.85
N ARG C 129 -7.79 -13.25 -18.86
CA ARG C 129 -8.46 -13.22 -20.15
C ARG C 129 -9.13 -14.57 -20.38
N PHE C 130 -10.36 -14.53 -20.89
CA PHE C 130 -11.23 -15.70 -20.94
C PHE C 130 -12.04 -15.74 -22.23
N GLY C 131 -12.16 -16.93 -22.79
CA GLY C 131 -13.15 -17.24 -23.80
C GLY C 131 -13.90 -18.50 -23.38
N SER C 132 -13.76 -19.58 -24.15
CA SER C 132 -14.20 -20.87 -23.67
C SER C 132 -13.18 -21.52 -22.74
N LEU C 133 -11.95 -21.02 -22.72
CA LEU C 133 -10.91 -21.46 -21.80
CA LEU C 133 -10.91 -21.46 -21.80
C LEU C 133 -10.28 -20.22 -21.15
N VAL C 134 -9.29 -20.46 -20.30
CA VAL C 134 -8.57 -19.38 -19.63
C VAL C 134 -7.37 -19.02 -20.50
N ASP C 135 -7.48 -17.91 -21.25
CA ASP C 135 -6.40 -17.47 -22.12
C ASP C 135 -5.22 -16.90 -21.34
N ALA C 136 -5.48 -16.24 -20.21
CA ALA C 136 -4.42 -15.58 -19.45
C ALA C 136 -4.89 -15.38 -18.01
N PHE C 137 -3.92 -15.23 -17.11
CA PHE C 137 -4.13 -15.29 -15.67
C PHE C 137 -3.25 -14.26 -14.94
N GLY C 138 -3.80 -13.62 -13.91
CA GLY C 138 -3.06 -12.72 -13.06
C GLY C 138 -3.55 -12.75 -11.63
N ILE C 139 -2.83 -12.02 -10.77
CA ILE C 139 -2.94 -12.18 -9.31
C ILE C 139 -2.88 -10.81 -8.64
N TYR C 140 -3.77 -10.59 -7.66
CA TYR C 140 -3.74 -9.40 -6.81
C TYR C 140 -3.13 -9.76 -5.45
N LEU C 141 -2.18 -8.93 -4.97
CA LEU C 141 -1.51 -9.14 -3.69
C LEU C 141 -1.59 -7.91 -2.81
N MET C 142 -1.82 -8.13 -1.57
CA MET C 142 -1.88 -7.17 -0.47
C MET C 142 -0.61 -7.23 0.36
N PRO C 143 0.02 -6.12 0.75
CA PRO C 143 1.10 -6.20 1.75
C PRO C 143 0.60 -6.85 3.03
N TYR C 144 1.50 -7.56 3.71
CA TYR C 144 1.18 -8.19 4.99
C TYR C 144 1.91 -7.49 6.13
N SER D 1 8.03 -3.42 4.25
CA SER D 1 7.08 -2.65 5.05
C SER D 1 6.21 -1.79 4.12
N GLY D 2 4.97 -2.23 3.93
CA GLY D 2 4.16 -1.75 2.84
C GLY D 2 4.53 -2.30 1.49
N LEU D 3 5.48 -3.23 1.44
CA LEU D 3 5.91 -3.86 0.21
C LEU D 3 5.50 -5.32 0.17
N VAL D 4 5.09 -5.78 -0.99
CA VAL D 4 4.95 -7.20 -1.23
C VAL D 4 6.32 -7.77 -1.56
N LYS D 5 6.64 -8.90 -0.94
CA LYS D 5 7.95 -9.53 -1.07
C LYS D 5 7.76 -10.91 -1.68
N LEU D 6 8.33 -11.09 -2.87
CA LEU D 6 8.24 -12.35 -3.60
C LEU D 6 9.58 -13.07 -3.57
N GLY D 7 9.54 -14.38 -3.43
CA GLY D 7 10.75 -15.20 -3.38
C GLY D 7 10.62 -16.31 -2.37
N LEU D 8 11.62 -17.19 -2.26
CA LEU D 8 12.84 -17.15 -3.08
C LEU D 8 12.73 -18.05 -4.31
N TRP D 9 13.33 -17.62 -5.41
CA TRP D 9 13.64 -18.49 -6.53
C TRP D 9 15.10 -18.92 -6.41
N GLY D 10 15.35 -20.23 -6.46
CA GLY D 10 16.71 -20.73 -6.30
C GLY D 10 16.88 -21.69 -5.15
N GLY D 11 18.12 -21.91 -4.71
CA GLY D 11 18.45 -22.93 -3.74
C GLY D 11 18.63 -22.39 -2.32
N ASN D 12 19.14 -23.24 -1.44
N ASN D 12 19.19 -23.26 -1.49
CA ASN D 12 19.26 -22.84 -0.04
CA ASN D 12 19.27 -23.09 -0.04
C ASN D 12 20.71 -22.90 0.46
C ASN D 12 20.68 -22.79 0.45
N GLU D 13 21.69 -22.81 -0.43
CA GLU D 13 23.07 -22.61 -0.01
C GLU D 13 23.37 -21.11 0.00
N GLY D 14 24.62 -20.74 0.21
CA GLY D 14 24.97 -19.34 0.34
C GLY D 14 24.48 -18.79 1.66
N THR D 15 24.54 -17.46 1.77
CA THR D 15 24.09 -16.75 2.96
C THR D 15 23.01 -15.73 2.57
N LEU D 16 21.99 -15.66 3.40
CA LEU D 16 20.92 -14.68 3.22
C LEU D 16 21.47 -13.25 3.26
N GLN D 17 21.03 -12.41 2.31
CA GLN D 17 21.30 -10.98 2.37
C GLN D 17 20.01 -10.25 2.02
N ASP D 18 19.73 -9.17 2.74
CA ASP D 18 18.46 -8.47 2.62
C ASP D 18 18.70 -7.00 2.95
N ILE D 19 17.73 -6.16 2.58
CA ILE D 19 17.85 -4.73 2.82
C ILE D 19 17.42 -4.40 4.24
N ASP D 20 17.88 -3.24 4.72
CA ASP D 20 17.50 -2.72 6.03
C ASP D 20 16.72 -1.40 5.94
N GLY D 21 16.54 -0.86 4.74
CA GLY D 21 15.93 0.45 4.56
C GLY D 21 14.50 0.36 4.06
N HIS D 22 14.02 1.48 3.53
CA HIS D 22 12.62 1.66 3.12
C HIS D 22 12.62 2.22 1.71
N PRO D 23 12.85 1.36 0.71
CA PRO D 23 13.09 1.85 -0.65
C PRO D 23 11.83 2.35 -1.33
N THR D 24 11.96 3.46 -2.05
CA THR D 24 10.87 4.04 -2.83
C THR D 24 11.13 4.04 -4.34
N ARG D 25 12.35 3.77 -4.78
CA ARG D 25 12.75 3.91 -6.17
C ARG D 25 14.03 3.11 -6.38
N LEU D 26 14.05 2.31 -7.44
CA LEU D 26 15.25 1.60 -7.86
C LEU D 26 15.95 2.40 -8.96
N THR D 27 17.19 2.83 -8.72
CA THR D 27 17.86 3.72 -9.66
C THR D 27 18.88 3.02 -10.55
N LYS D 28 19.51 1.95 -10.08
CA LYS D 28 20.63 1.34 -10.78
C LYS D 28 20.78 -0.11 -10.32
N ILE D 29 21.08 -0.99 -11.26
CA ILE D 29 21.45 -2.38 -11.00
C ILE D 29 22.82 -2.64 -11.61
N VAL D 30 23.69 -3.30 -10.86
CA VAL D 30 24.95 -3.82 -11.41
C VAL D 30 24.91 -5.34 -11.25
N ILE D 31 25.05 -6.05 -12.36
CA ILE D 31 24.92 -7.50 -12.36
C ILE D 31 26.21 -8.10 -12.91
N ARG D 32 26.73 -9.12 -12.22
CA ARG D 32 27.89 -9.87 -12.68
C ARG D 32 27.42 -11.26 -13.10
N SER D 33 27.90 -11.73 -14.25
CA SER D 33 27.35 -12.97 -14.80
C SER D 33 28.35 -13.65 -15.72
N ALA D 34 28.20 -14.98 -15.81
CA ALA D 34 28.96 -15.77 -16.78
C ALA D 34 28.08 -16.93 -17.22
N HIS D 35 28.34 -18.15 -16.74
CA HIS D 35 27.41 -19.24 -16.95
C HIS D 35 26.22 -19.17 -16.00
N ALA D 36 26.32 -18.38 -14.94
CA ALA D 36 25.22 -18.13 -14.02
C ALA D 36 25.29 -16.66 -13.64
N ILE D 37 24.56 -16.28 -12.59
CA ILE D 37 24.66 -14.92 -12.06
C ILE D 37 25.65 -14.94 -10.89
N ASP D 38 26.71 -14.14 -11.00
CA ASP D 38 27.76 -14.10 -9.97
C ASP D 38 27.38 -13.18 -8.82
N ALA D 39 26.79 -12.02 -9.11
CA ALA D 39 26.58 -11.02 -8.07
C ALA D 39 25.50 -10.03 -8.49
N LEU D 40 24.94 -9.37 -7.48
CA LEU D 40 23.99 -8.28 -7.66
C LEU D 40 24.37 -7.12 -6.76
N GLN D 41 24.17 -5.91 -7.27
CA GLN D 41 24.32 -4.69 -6.49
C GLN D 41 23.28 -3.72 -7.03
N PHE D 42 22.62 -2.97 -6.15
CA PHE D 42 21.65 -2.00 -6.62
C PHE D 42 21.60 -0.80 -5.69
N ASP D 43 21.21 0.35 -6.26
CA ASP D 43 20.99 1.58 -5.52
C ASP D 43 19.50 1.88 -5.45
N TYR D 44 19.06 2.46 -4.33
CA TYR D 44 17.66 2.82 -4.15
C TYR D 44 17.58 4.14 -3.39
N VAL D 45 16.40 4.76 -3.43
CA VAL D 45 16.18 6.08 -2.85
C VAL D 45 15.26 5.96 -1.65
N GLU D 46 15.58 6.68 -0.59
CA GLU D 46 14.76 6.79 0.61
C GLU D 46 14.88 8.21 1.13
N ASP D 47 13.74 8.91 1.23
CA ASP D 47 13.70 10.29 1.73
C ASP D 47 14.66 11.19 0.97
N GLY D 48 14.71 11.01 -0.35
CA GLY D 48 15.52 11.85 -1.21
C GLY D 48 17.01 11.57 -1.21
N LYS D 49 17.43 10.48 -0.57
CA LYS D 49 18.84 10.14 -0.48
C LYS D 49 19.06 8.76 -1.10
N THR D 50 20.20 8.59 -1.76
CA THR D 50 20.50 7.33 -2.44
C THR D 50 21.33 6.44 -1.53
N PHE D 51 21.00 5.14 -1.52
CA PHE D 51 21.70 4.14 -0.74
C PHE D 51 22.15 3.01 -1.65
N ALA D 52 23.29 2.41 -1.32
CA ALA D 52 23.83 1.29 -2.08
C ALA D 52 23.58 0.00 -1.30
N ALA D 53 22.92 -0.95 -1.95
CA ALA D 53 22.75 -2.30 -1.42
C ALA D 53 23.70 -3.24 -2.16
N GLY D 54 24.33 -4.14 -1.41
CA GLY D 54 25.34 -5.02 -2.01
C GLY D 54 26.68 -4.31 -2.08
N GLN D 55 27.65 -4.86 -2.78
CA GLN D 55 27.49 -6.03 -3.64
C GLN D 55 27.28 -7.32 -2.85
N TRP D 56 26.36 -8.13 -3.35
CA TRP D 56 26.11 -9.46 -2.83
C TRP D 56 26.52 -10.48 -3.89
N GLY D 57 27.39 -11.41 -3.51
CA GLY D 57 27.93 -12.38 -4.45
C GLY D 57 29.40 -12.10 -4.75
N GLY D 58 29.97 -12.94 -5.61
CA GLY D 58 31.39 -12.91 -5.88
C GLY D 58 31.78 -11.99 -7.04
N ASN D 59 33.09 -11.91 -7.27
CA ASN D 59 33.68 -11.01 -8.25
C ASN D 59 34.02 -11.68 -9.57
N GLY D 60 33.55 -12.91 -9.79
CA GLY D 60 33.71 -13.55 -11.07
C GLY D 60 32.78 -12.95 -12.12
N GLY D 61 32.92 -13.48 -13.33
CA GLY D 61 32.05 -13.06 -14.42
C GLY D 61 32.39 -11.68 -14.96
N LYS D 62 31.48 -11.19 -15.80
CA LYS D 62 31.59 -9.88 -16.42
C LYS D 62 30.50 -8.97 -15.86
N SER D 63 30.78 -7.67 -15.79
CA SER D 63 29.88 -6.72 -15.18
C SER D 63 29.03 -5.99 -16.23
N ASP D 64 27.76 -5.77 -15.90
CA ASP D 64 26.86 -4.95 -16.71
C ASP D 64 26.06 -4.04 -15.80
N THR D 65 25.90 -2.78 -16.21
CA THR D 65 25.19 -1.78 -15.42
C THR D 65 23.89 -1.38 -16.11
N ILE D 66 22.79 -1.45 -15.37
CA ILE D 66 21.49 -0.96 -15.80
C ILE D 66 21.20 0.28 -14.97
N GLU D 67 21.12 1.44 -15.63
CA GLU D 67 20.83 2.69 -14.95
C GLU D 67 19.60 3.33 -15.59
N PHE D 68 18.51 3.38 -14.83
CA PHE D 68 17.21 3.75 -15.39
C PHE D 68 17.13 5.25 -15.65
N GLN D 69 16.49 5.61 -16.77
CA GLN D 69 16.26 7.01 -17.08
CA GLN D 69 16.26 7.01 -17.08
C GLN D 69 15.11 7.55 -16.23
N PRO D 70 15.01 8.87 -16.10
CA PRO D 70 13.79 9.45 -15.51
C PRO D 70 12.58 8.99 -16.30
N GLY D 71 11.56 8.54 -15.58
CA GLY D 71 10.37 8.00 -16.22
C GLY D 71 10.49 6.58 -16.69
N GLU D 72 11.61 5.90 -16.43
CA GLU D 72 11.79 4.49 -16.78
C GLU D 72 11.72 3.65 -15.52
N TYR D 73 11.03 2.52 -15.60
CA TYR D 73 10.84 1.61 -14.48
C TYR D 73 10.64 0.21 -15.02
N LEU D 74 10.87 -0.79 -14.17
CA LEU D 74 10.72 -2.18 -14.58
C LEU D 74 9.25 -2.57 -14.69
N ILE D 75 8.93 -3.27 -15.79
CA ILE D 75 7.60 -3.86 -15.96
C ILE D 75 7.62 -5.38 -15.87
N ALA D 76 8.79 -6.02 -15.87
CA ALA D 76 8.85 -7.46 -15.69
C ALA D 76 10.28 -7.85 -15.39
N ILE D 77 10.43 -8.99 -14.71
CA ILE D 77 11.69 -9.69 -14.55
C ILE D 77 11.46 -11.15 -14.91
N LYS D 78 12.41 -11.73 -15.66
CA LYS D 78 12.41 -13.15 -16.00
C LYS D 78 13.74 -13.75 -15.57
N GLY D 79 13.76 -15.06 -15.43
CA GLY D 79 15.02 -15.73 -15.18
C GLY D 79 14.88 -17.23 -15.23
N THR D 80 15.97 -17.91 -14.85
CA THR D 80 15.99 -19.37 -14.76
C THR D 80 16.84 -19.79 -13.56
N THR D 81 16.45 -20.91 -12.95
CA THR D 81 17.19 -21.50 -11.84
C THR D 81 17.52 -22.97 -12.12
N GLY D 82 18.63 -23.43 -11.55
CA GLY D 82 19.04 -24.81 -11.75
C GLY D 82 20.46 -25.03 -11.29
N ALA D 83 20.92 -26.27 -11.51
CA ALA D 83 22.25 -26.67 -11.07
C ALA D 83 23.33 -26.03 -11.94
N LEU D 84 24.49 -25.83 -11.32
CA LEU D 84 25.71 -25.47 -12.04
C LEU D 84 26.87 -26.18 -11.36
N GLY D 85 27.47 -27.12 -12.07
CA GLY D 85 28.55 -27.90 -11.48
C GLY D 85 28.09 -28.59 -10.21
N ALA D 86 28.80 -28.33 -9.13
CA ALA D 86 28.54 -28.93 -7.82
C ALA D 86 27.43 -28.24 -7.05
N VAL D 87 26.96 -27.08 -7.48
CA VAL D 87 25.88 -26.39 -6.79
C VAL D 87 24.55 -26.96 -7.27
N THR D 88 23.74 -27.44 -6.32
CA THR D 88 22.49 -28.12 -6.64
C THR D 88 21.50 -27.23 -7.37
N ASN D 89 21.36 -25.98 -6.95
CA ASN D 89 20.28 -25.12 -7.44
C ASN D 89 20.65 -23.66 -7.16
N LEU D 90 20.85 -22.88 -8.22
CA LEU D 90 21.17 -21.46 -8.06
C LEU D 90 20.52 -20.68 -9.20
N VAL D 91 20.80 -19.38 -9.27
CA VAL D 91 20.18 -18.53 -10.26
C VAL D 91 21.08 -18.52 -11.50
N ARG D 92 20.59 -19.13 -12.58
CA ARG D 92 21.39 -19.26 -13.79
C ARG D 92 21.31 -18.03 -14.69
N SER D 93 20.18 -17.34 -14.71
CA SER D 93 20.03 -16.18 -15.59
C SER D 93 18.96 -15.23 -15.05
N LEU D 94 19.05 -13.98 -15.48
CA LEU D 94 18.06 -12.96 -15.17
C LEU D 94 17.93 -12.03 -16.37
N THR D 95 16.70 -11.57 -16.62
CA THR D 95 16.38 -10.59 -17.65
C THR D 95 15.49 -9.54 -17.01
N PHE D 96 15.81 -8.26 -17.25
CA PHE D 96 15.08 -7.13 -16.67
C PHE D 96 14.42 -6.34 -17.80
N ILE D 97 13.09 -6.20 -17.75
CA ILE D 97 12.36 -5.53 -18.82
C ILE D 97 11.73 -4.25 -18.27
N SER D 98 12.09 -3.12 -18.85
CA SER D 98 11.51 -1.83 -18.47
C SER D 98 10.47 -1.40 -19.49
N ASN D 99 9.81 -0.28 -19.19
CA ASN D 99 8.86 0.28 -20.13
C ASN D 99 9.53 0.83 -21.38
N MET D 100 10.86 0.88 -21.41
CA MET D 100 11.59 1.42 -22.55
C MET D 100 12.45 0.42 -23.29
N ARG D 101 12.99 -0.62 -22.63
CA ARG D 101 13.81 -1.59 -23.34
C ARG D 101 14.05 -2.82 -22.45
N THR D 102 14.70 -3.82 -23.03
CA THR D 102 15.08 -5.06 -22.36
C THR D 102 16.58 -5.07 -22.08
N TYR D 103 16.93 -5.47 -20.86
CA TYR D 103 18.31 -5.64 -20.43
C TYR D 103 18.55 -7.13 -20.18
N GLY D 104 19.50 -7.72 -20.90
CA GLY D 104 19.78 -9.14 -20.77
C GLY D 104 19.27 -9.95 -21.94
N PRO D 105 19.20 -11.29 -21.81
CA PRO D 105 19.49 -12.07 -20.59
C PRO D 105 20.95 -12.02 -20.17
N PHE D 106 21.16 -12.07 -18.87
CA PHE D 106 22.47 -12.25 -18.27
C PHE D 106 22.54 -13.68 -17.76
N GLY D 107 23.72 -14.30 -17.86
CA GLY D 107 23.86 -15.71 -17.59
C GLY D 107 23.38 -16.55 -18.77
N LEU D 108 23.24 -17.84 -18.51
CA LEU D 108 22.74 -18.80 -19.48
C LEU D 108 21.38 -19.30 -19.06
N GLU D 109 20.44 -19.33 -20.01
CA GLU D 109 19.05 -19.64 -19.71
C GLU D 109 18.83 -21.16 -19.70
N HIS D 110 19.57 -21.81 -18.81
CA HIS D 110 19.41 -23.23 -18.51
C HIS D 110 18.57 -23.38 -17.25
N GLY D 111 17.84 -24.49 -17.16
CA GLY D 111 17.05 -24.78 -15.97
C GLY D 111 15.60 -24.37 -16.10
N THR D 112 14.96 -24.20 -14.93
CA THR D 112 13.53 -23.93 -14.86
C THR D 112 13.28 -22.43 -14.99
N PRO D 113 12.47 -21.99 -15.95
CA PRO D 113 12.17 -20.56 -16.05
C PRO D 113 11.27 -20.07 -14.93
N PHE D 114 11.39 -18.78 -14.63
CA PHE D 114 10.35 -18.07 -13.89
C PHE D 114 10.17 -16.68 -14.51
N SER D 115 9.01 -16.07 -14.23
CA SER D 115 8.66 -14.79 -14.82
C SER D 115 7.71 -14.02 -13.91
N VAL D 116 7.96 -12.72 -13.80
CA VAL D 116 7.16 -11.83 -12.95
C VAL D 116 6.76 -10.60 -13.76
N PRO D 117 5.68 -10.67 -14.53
CA PRO D 117 5.14 -9.47 -15.18
C PRO D 117 4.31 -8.67 -14.18
N VAL D 118 4.51 -7.36 -14.19
CA VAL D 118 3.85 -6.45 -13.26
C VAL D 118 2.83 -5.63 -14.02
N ALA D 119 1.55 -5.77 -13.65
CA ALA D 119 0.48 -5.02 -14.28
C ALA D 119 0.17 -3.72 -13.56
N SER D 120 0.28 -3.69 -12.24
CA SER D 120 0.13 -2.46 -11.47
C SER D 120 1.06 -2.57 -10.27
N GLY D 121 2.11 -1.77 -10.25
CA GLY D 121 3.07 -1.79 -9.17
C GLY D 121 4.43 -1.33 -9.64
N ARG D 122 5.35 -1.24 -8.68
CA ARG D 122 6.73 -0.84 -8.98
C ARG D 122 7.69 -1.76 -8.24
N ILE D 123 8.71 -2.23 -8.94
CA ILE D 123 9.79 -3.01 -8.32
C ILE D 123 10.81 -2.02 -7.75
N VAL D 124 11.06 -2.10 -6.44
CA VAL D 124 11.89 -1.12 -5.76
C VAL D 124 13.12 -1.71 -5.10
N ALA D 125 13.25 -3.02 -4.94
CA ALA D 125 14.44 -3.58 -4.31
C ALA D 125 14.47 -5.08 -4.51
N PHE D 126 15.58 -5.70 -4.08
CA PHE D 126 15.82 -7.13 -4.20
C PHE D 126 16.40 -7.69 -2.90
N TYR D 127 16.35 -9.02 -2.77
CA TYR D 127 17.07 -9.75 -1.73
C TYR D 127 17.45 -11.11 -2.31
N GLY D 128 18.12 -11.94 -1.51
CA GLY D 128 18.48 -13.26 -1.99
C GLY D 128 19.38 -14.03 -1.04
N ARG D 129 20.01 -15.08 -1.57
CA ARG D 129 21.08 -15.81 -0.90
C ARG D 129 22.32 -15.79 -1.80
N PHE D 130 23.49 -15.62 -1.18
CA PHE D 130 24.71 -15.35 -1.94
C PHE D 130 25.92 -16.01 -1.29
N GLY D 131 26.81 -16.52 -2.13
CA GLY D 131 28.12 -16.92 -1.72
C GLY D 131 29.10 -16.36 -2.71
N SER D 132 29.77 -17.24 -3.46
CA SER D 132 30.52 -16.79 -4.63
C SER D 132 29.61 -16.48 -5.80
N LEU D 133 28.39 -17.01 -5.80
CA LEU D 133 27.39 -16.76 -6.83
C LEU D 133 26.06 -16.38 -6.18
N VAL D 134 25.04 -16.15 -7.00
CA VAL D 134 23.70 -15.86 -6.52
C VAL D 134 22.96 -17.19 -6.40
N ASP D 135 22.82 -17.68 -5.17
CA ASP D 135 22.12 -18.94 -4.90
C ASP D 135 20.60 -18.79 -5.01
N ALA D 136 20.06 -17.62 -4.67
CA ALA D 136 18.62 -17.43 -4.68
C ALA D 136 18.31 -15.94 -4.79
N PHE D 137 17.09 -15.63 -5.25
CA PHE D 137 16.71 -14.29 -5.68
C PHE D 137 15.26 -14.00 -5.28
N GLY D 138 15.00 -12.76 -4.84
CA GLY D 138 13.65 -12.29 -4.55
C GLY D 138 13.49 -10.81 -4.83
N ILE D 139 12.23 -10.35 -4.77
CA ILE D 139 11.83 -9.04 -5.29
C ILE D 139 10.88 -8.34 -4.30
N TYR D 140 11.07 -7.03 -4.14
CA TYR D 140 10.17 -6.17 -3.36
C TYR D 140 9.36 -5.29 -4.29
N LEU D 141 8.02 -5.25 -4.09
CA LEU D 141 7.13 -4.43 -4.92
C LEU D 141 6.24 -3.52 -4.07
N MET D 142 6.08 -2.30 -4.55
CA MET D 142 5.16 -1.29 -4.02
CA MET D 142 5.17 -1.30 -4.03
C MET D 142 3.92 -1.20 -4.90
N PRO D 143 2.73 -1.07 -4.34
CA PRO D 143 1.55 -0.84 -5.19
C PRO D 143 1.67 0.50 -5.90
N TYR D 144 1.02 0.60 -7.05
CA TYR D 144 0.92 1.87 -7.76
C TYR D 144 -0.48 2.47 -7.57
#